data_9GF8
#
_entry.id   9GF8
#
_cell.length_a   1.00
_cell.length_b   1.00
_cell.length_c   1.00
_cell.angle_alpha   90.00
_cell.angle_beta   90.00
_cell.angle_gamma   90.00
#
_symmetry.space_group_name_H-M   'P 1'
#
loop_
_entity.id
_entity.type
_entity.pdbx_description
1 polymer 'Monocarboxylate transporter 8'
2 polymer 'ALFA-tag binding nanobody'
#
loop_
_entity_poly.entity_id
_entity_poly.type
_entity_poly.pdbx_seq_one_letter_code
_entity_poly.pdbx_strand_id
1 'polypeptide(L)'
;MDYKDDDDKALQSQASEEAKGPWQEADQEQQEPVGSPEPESEPEPEPEPEPVPVPPPEPQPEPQPLPDPAPLPELEFESE
RVHEPEPTPTVETRGTARGFQPPEGGFGWVVVFAATWCNGSIFGIHNSVGILYSMLLEEEKEKNRQVEFQAAWVGALAMG
MIFFCSPIVSIFTDRLGCRITATAGAAVAFIGLHTSSFTSSLSLRYFTYGILFGCGCSFAFQPSLVILGHYFQRRLGLAN
GVVSAGSSIFSMSFPFLIRMLGDKIKLAQTFQVLSTFMFVLMLLSLTYRPLLPSSQDTPSKRGVRTLHQRFLAQLRKYFN
MRVFRQRTYRIWAFGIAAAALGYFVPYVHLMKYVEEEFSEIKETWVLLVCIGATSGLGRLVSGHISDSIPGLKKIYLQVL
SFLLLGLMSMMIPLCRDFGGLIVVCLFLGLCDGFFITIMAPIAFELVGPMQASQAIGYLLGMMALPMIAGPPIAGLLRNC
FGDYHVAFYFAGVPPIIGAVILFFVPSRLEEELRRRLTEPI
;
A
2 'polypeptide(L)'
;GSEVQLQESGGGLVQPGGSLRLSCTASGVTISALNAMAMGWYRQAPGERRVMVAAVSERGNAMYRESVQGRFTVTRDFTN
KMVSLQMDNLKPEDTAVYYCHVLEDRVDSFHDYWGQGTQVTVSS
;
B
#
# COMPACT_ATOMS: atom_id res chain seq x y z
N PRO A 102 8.45 21.84 7.26
CA PRO A 102 7.10 22.38 7.44
C PRO A 102 6.79 22.72 8.90
N PRO A 103 5.68 23.41 9.14
CA PRO A 103 5.30 23.70 10.53
C PRO A 103 5.09 22.46 11.37
N GLU A 104 4.69 21.34 10.76
CA GLU A 104 4.47 20.09 11.48
C GLU A 104 3.49 20.27 12.63
N GLY A 105 2.62 21.27 12.52
CA GLY A 105 1.67 21.55 13.59
C GLY A 105 1.04 22.91 13.39
N GLY A 106 0.47 23.43 14.47
CA GLY A 106 -0.14 24.74 14.43
C GLY A 106 -1.24 24.82 13.39
N PHE A 107 -0.98 25.56 12.31
CA PHE A 107 -1.99 25.70 11.27
C PHE A 107 -2.33 24.37 10.62
N GLY A 108 -1.36 23.45 10.56
CA GLY A 108 -1.56 22.19 9.86
C GLY A 108 -2.71 21.35 10.36
N TRP A 109 -3.36 21.74 11.45
CA TRP A 109 -4.48 20.99 12.00
C TRP A 109 -5.82 21.40 11.41
N VAL A 110 -5.85 22.42 10.57
CA VAL A 110 -7.08 22.74 9.84
C VAL A 110 -7.13 22.01 8.50
N VAL A 111 -5.98 21.72 7.89
CA VAL A 111 -5.94 20.92 6.68
C VAL A 111 -6.52 19.54 6.94
N VAL A 112 -6.24 18.98 8.12
CA VAL A 112 -6.81 17.69 8.48
C VAL A 112 -8.33 17.76 8.46
N PHE A 113 -8.88 18.88 8.93
CA PHE A 113 -10.33 19.04 8.91
C PHE A 113 -10.87 18.99 7.49
N ALA A 114 -10.21 19.67 6.56
CA ALA A 114 -10.65 19.66 5.17
C ALA A 114 -10.55 18.27 4.57
N ALA A 115 -9.44 17.56 4.82
CA ALA A 115 -9.29 16.21 4.28
C ALA A 115 -10.35 15.28 4.83
N THR A 116 -10.62 15.36 6.14
CA THR A 116 -11.64 14.52 6.74
C THR A 116 -13.00 14.81 6.12
N TRP A 117 -13.34 16.09 5.96
CA TRP A 117 -14.61 16.45 5.36
C TRP A 117 -14.71 15.91 3.94
N CYS A 118 -13.64 16.06 3.15
CA CYS A 118 -13.67 15.62 1.77
C CYS A 118 -13.90 14.11 1.67
N ASN A 119 -13.07 13.34 2.37
CA ASN A 119 -13.22 11.88 2.28
C ASN A 119 -14.57 11.43 2.81
N GLY A 120 -14.99 11.98 3.95
CA GLY A 120 -16.26 11.58 4.52
C GLY A 120 -17.42 11.86 3.57
N SER A 121 -17.48 13.08 3.02
CA SER A 121 -18.57 13.40 2.11
C SER A 121 -18.54 12.51 0.88
N ILE A 122 -17.36 12.36 0.26
CA ILE A 122 -17.25 11.57 -0.97
C ILE A 122 -17.79 10.17 -0.73
N PHE A 123 -17.20 9.44 0.21
CA PHE A 123 -17.59 8.05 0.38
C PHE A 123 -18.98 7.92 0.97
N GLY A 124 -19.39 8.84 1.82
CA GLY A 124 -20.74 8.79 2.34
C GLY A 124 -21.77 8.89 1.24
N ILE A 125 -21.58 9.83 0.29
CA ILE A 125 -22.50 9.91 -0.83
C ILE A 125 -22.41 8.65 -1.69
N HIS A 126 -21.19 8.22 -2.01
CA HIS A 126 -21.03 7.08 -2.91
C HIS A 126 -21.65 5.80 -2.36
N ASN A 127 -21.79 5.69 -1.03
CA ASN A 127 -22.47 4.53 -0.47
C ASN A 127 -23.95 4.78 -0.23
N SER A 128 -24.31 5.96 0.28
CA SER A 128 -25.69 6.25 0.64
C SER A 128 -26.59 6.29 -0.58
N VAL A 129 -26.11 6.85 -1.70
CA VAL A 129 -26.97 6.91 -2.89
C VAL A 129 -27.29 5.50 -3.37
N GLY A 130 -26.30 4.62 -3.43
CA GLY A 130 -26.56 3.25 -3.83
C GLY A 130 -27.50 2.53 -2.88
N ILE A 131 -27.28 2.70 -1.58
CA ILE A 131 -28.14 2.03 -0.59
C ILE A 131 -29.57 2.54 -0.70
N LEU A 132 -29.73 3.85 -0.87
CA LEU A 132 -31.07 4.42 -0.97
C LEU A 132 -31.78 3.96 -2.23
N TYR A 133 -31.06 3.87 -3.35
CA TYR A 133 -31.70 3.36 -4.56
C TYR A 133 -32.05 1.89 -4.42
N SER A 134 -31.21 1.11 -3.72
CA SER A 134 -31.57 -0.28 -3.45
C SER A 134 -32.85 -0.36 -2.63
N MET A 135 -32.96 0.49 -1.60
CA MET A 135 -34.19 0.53 -0.82
C MET A 135 -35.39 0.90 -1.69
N LEU A 136 -35.22 1.90 -2.57
CA LEU A 136 -36.30 2.29 -3.47
C LEU A 136 -36.72 1.14 -4.36
N LEU A 137 -35.75 0.41 -4.92
CA LEU A 137 -36.05 -0.75 -5.75
C LEU A 137 -36.75 -1.83 -4.94
N GLU A 138 -36.41 -1.97 -3.67
CA GLU A 138 -37.17 -2.85 -2.79
C GLU A 138 -38.59 -2.35 -2.60
N GLU A 139 -38.80 -1.04 -2.71
CA GLU A 139 -40.13 -0.46 -2.57
C GLU A 139 -40.84 -0.30 -3.90
N GLU A 140 -40.11 -0.17 -5.01
CA GLU A 140 -40.70 0.06 -6.32
C GLU A 140 -40.24 -1.00 -7.31
N LYS A 141 -40.93 -1.07 -8.44
CA LYS A 141 -40.58 -2.02 -9.48
C LYS A 141 -39.31 -1.59 -10.21
N GLU A 142 -38.76 -2.51 -10.99
CA GLU A 142 -37.49 -2.27 -11.67
C GLU A 142 -37.66 -1.57 -13.01
N LYS A 143 -38.89 -1.26 -13.41
CA LYS A 143 -39.13 -0.60 -14.69
C LYS A 143 -40.05 0.61 -14.51
N VAL A 147 -32.28 -2.45 -17.80
CA VAL A 147 -32.49 -1.44 -16.76
C VAL A 147 -32.37 -2.10 -15.38
N GLU A 148 -32.93 -3.30 -15.25
CA GLU A 148 -32.88 -4.00 -13.97
C GLU A 148 -31.44 -4.33 -13.58
N PHE A 149 -30.70 -4.98 -14.49
CA PHE A 149 -29.31 -5.33 -14.24
C PHE A 149 -28.36 -4.17 -14.47
N GLN A 150 -28.83 -3.05 -15.02
CA GLN A 150 -28.02 -1.86 -15.16
C GLN A 150 -28.24 -0.87 -14.01
N ALA A 151 -29.41 -0.89 -13.39
CA ALA A 151 -29.66 0.00 -12.26
C ALA A 151 -28.72 -0.32 -11.10
N ALA A 152 -28.52 -1.60 -10.79
CA ALA A 152 -27.53 -1.99 -9.80
C ALA A 152 -26.11 -1.78 -10.29
N TRP A 153 -25.92 -1.50 -11.58
CA TRP A 153 -24.59 -1.28 -12.13
C TRP A 153 -24.05 0.10 -11.79
N VAL A 154 -24.94 1.06 -11.52
CA VAL A 154 -24.51 2.43 -11.26
C VAL A 154 -23.62 2.48 -10.03
N GLY A 155 -24.02 1.80 -8.96
CA GLY A 155 -23.25 1.82 -7.73
C GLY A 155 -21.83 1.32 -7.88
N ALA A 156 -21.56 0.52 -8.91
CA ALA A 156 -20.22 0.06 -9.21
C ALA A 156 -19.51 0.95 -10.23
N LEU A 157 -20.23 1.41 -11.25
CA LEU A 157 -19.63 2.32 -12.23
C LEU A 157 -19.10 3.57 -11.56
N ALA A 158 -19.94 4.22 -10.75
CA ALA A 158 -19.51 5.47 -10.11
C ALA A 158 -18.32 5.25 -9.20
N MET A 159 -18.33 4.17 -8.43
CA MET A 159 -17.20 3.87 -7.54
C MET A 159 -15.93 3.63 -8.34
N GLY A 160 -15.99 2.75 -9.34
CA GLY A 160 -14.81 2.45 -10.12
C GLY A 160 -14.27 3.65 -10.86
N MET A 161 -15.13 4.58 -11.25
CA MET A 161 -14.66 5.77 -11.95
C MET A 161 -13.69 6.58 -11.10
N ILE A 162 -13.82 6.50 -9.78
CA ILE A 162 -12.92 7.25 -8.89
C ILE A 162 -11.49 6.75 -9.07
N PHE A 163 -11.29 5.43 -8.99
CA PHE A 163 -9.95 4.88 -9.06
C PHE A 163 -9.43 4.85 -10.49
N PHE A 164 -10.30 4.57 -11.46
CA PHE A 164 -9.85 4.46 -12.84
C PHE A 164 -9.44 5.80 -13.44
N CYS A 165 -9.78 6.92 -12.80
CA CYS A 165 -9.46 8.24 -13.32
C CYS A 165 -8.26 8.87 -12.61
N SER A 166 -7.82 8.31 -11.49
CA SER A 166 -6.70 8.89 -10.76
C SER A 166 -5.45 9.08 -11.60
N PRO A 167 -5.06 8.15 -12.47
CA PRO A 167 -3.81 8.34 -13.22
C PRO A 167 -3.72 9.66 -13.94
N ILE A 168 -4.84 10.14 -14.51
CA ILE A 168 -4.82 11.43 -15.18
C ILE A 168 -4.97 12.57 -14.18
N VAL A 169 -5.68 12.35 -13.08
CA VAL A 169 -5.83 13.41 -12.07
C VAL A 169 -4.49 13.84 -11.53
N SER A 170 -3.53 12.92 -11.45
CA SER A 170 -2.22 13.23 -10.89
C SER A 170 -1.43 14.20 -11.75
N ILE A 171 -1.85 14.46 -12.97
CA ILE A 171 -1.17 15.43 -13.83
C ILE A 171 -1.86 16.79 -13.80
N PHE A 172 -2.93 16.93 -13.02
CA PHE A 172 -3.53 18.22 -12.73
C PHE A 172 -3.14 18.73 -11.34
N THR A 173 -3.10 17.84 -10.35
CA THR A 173 -2.63 18.23 -9.03
C THR A 173 -1.19 18.74 -9.11
N ASP A 174 -0.34 18.01 -9.83
CA ASP A 174 1.07 18.37 -9.95
C ASP A 174 1.32 19.47 -10.97
N ARG A 175 0.31 19.91 -11.70
CA ARG A 175 0.50 20.92 -12.73
C ARG A 175 -0.24 22.23 -12.46
N LEU A 176 -1.19 22.24 -11.53
CA LEU A 176 -1.92 23.45 -11.17
C LEU A 176 -1.79 23.81 -9.71
N GLY A 177 -1.82 22.83 -8.81
CA GLY A 177 -1.75 23.09 -7.38
C GLY A 177 -2.77 22.26 -6.64
N CYS A 178 -2.51 22.03 -5.35
CA CYS A 178 -3.38 21.18 -4.55
C CYS A 178 -4.70 21.86 -4.20
N ARG A 179 -4.87 23.15 -4.50
CA ARG A 179 -6.10 23.87 -4.17
C ARG A 179 -7.05 24.01 -5.35
N ILE A 180 -6.54 24.47 -6.50
CA ILE A 180 -7.42 24.72 -7.63
C ILE A 180 -8.11 23.43 -8.07
N THR A 181 -7.37 22.34 -8.15
CA THR A 181 -7.96 21.06 -8.53
C THR A 181 -9.00 20.62 -7.51
N ALA A 182 -8.65 20.70 -6.22
CA ALA A 182 -9.54 20.24 -5.17
C ALA A 182 -10.82 21.06 -5.06
N THR A 183 -10.86 22.24 -5.70
CA THR A 183 -12.05 23.06 -5.72
C THR A 183 -12.84 22.92 -7.01
N ALA A 184 -12.15 22.86 -8.16
CA ALA A 184 -12.84 22.64 -9.42
C ALA A 184 -13.51 21.27 -9.45
N GLY A 185 -12.84 20.25 -8.92
CA GLY A 185 -13.48 18.94 -8.84
C GLY A 185 -14.73 18.95 -7.99
N ALA A 186 -14.67 19.65 -6.85
CA ALA A 186 -15.85 19.76 -6.00
C ALA A 186 -16.97 20.49 -6.71
N ALA A 187 -16.64 21.54 -7.47
CA ALA A 187 -17.67 22.26 -8.22
C ALA A 187 -18.32 21.35 -9.26
N VAL A 188 -17.51 20.57 -9.99
CA VAL A 188 -18.05 19.65 -10.98
C VAL A 188 -18.94 18.62 -10.31
N ALA A 189 -18.51 18.11 -9.15
CA ALA A 189 -19.33 17.13 -8.43
C ALA A 189 -20.65 17.73 -7.99
N PHE A 190 -20.62 18.98 -7.52
CA PHE A 190 -21.85 19.68 -7.12
C PHE A 190 -22.80 19.80 -8.31
N ILE A 191 -22.28 20.25 -9.45
CA ILE A 191 -23.13 20.39 -10.63
C ILE A 191 -23.70 19.04 -11.03
N GLY A 192 -22.88 17.99 -11.00
CA GLY A 192 -23.39 16.67 -11.35
C GLY A 192 -24.49 16.21 -10.43
N LEU A 193 -24.30 16.36 -9.12
CA LEU A 193 -25.31 15.95 -8.16
C LEU A 193 -26.54 16.85 -8.19
N HIS A 194 -26.46 18.02 -8.81
CA HIS A 194 -27.63 18.88 -8.89
C HIS A 194 -28.56 18.45 -10.02
N THR A 195 -28.02 18.28 -11.23
CA THR A 195 -28.83 17.91 -12.39
C THR A 195 -29.39 16.49 -12.27
N SER A 196 -28.87 15.67 -11.37
CA SER A 196 -29.40 14.32 -11.21
C SER A 196 -30.82 14.33 -10.67
N SER A 197 -31.29 15.47 -10.15
CA SER A 197 -32.61 15.53 -9.53
C SER A 197 -33.74 15.34 -10.54
N PHE A 198 -33.49 15.52 -11.83
CA PHE A 198 -34.54 15.50 -12.84
C PHE A 198 -34.93 14.04 -13.13
N THR A 199 -35.76 13.85 -14.16
CA THR A 199 -36.28 12.53 -14.46
C THR A 199 -35.15 11.53 -14.69
N SER A 200 -35.33 10.33 -14.14
CA SER A 200 -34.28 9.30 -14.16
C SER A 200 -34.38 8.42 -15.39
N SER A 201 -34.38 9.02 -16.58
CA SER A 201 -34.23 8.25 -17.80
C SER A 201 -32.89 7.53 -17.77
N LEU A 202 -32.89 6.26 -18.20
CA LEU A 202 -31.71 5.41 -18.03
C LEU A 202 -30.44 6.13 -18.47
N SER A 203 -30.35 6.50 -19.75
CA SER A 203 -29.11 7.10 -20.25
C SER A 203 -28.81 8.42 -19.57
N LEU A 204 -29.84 9.26 -19.37
CA LEU A 204 -29.61 10.61 -18.84
C LEU A 204 -29.06 10.54 -17.42
N ARG A 205 -29.73 9.80 -16.54
CA ARG A 205 -29.22 9.64 -15.17
C ARG A 205 -27.89 8.92 -15.17
N TYR A 206 -27.75 7.89 -16.00
CA TYR A 206 -26.48 7.19 -16.15
C TYR A 206 -25.35 8.19 -16.34
N PHE A 207 -25.48 9.05 -17.34
CA PHE A 207 -24.45 10.06 -17.59
C PHE A 207 -24.30 10.99 -16.38
N THR A 208 -25.40 11.63 -15.98
CA THR A 208 -25.31 12.67 -14.96
C THR A 208 -24.73 12.17 -13.65
N TYR A 209 -24.79 10.86 -13.40
CA TYR A 209 -24.29 10.30 -12.15
C TYR A 209 -22.98 9.55 -12.28
N GLY A 210 -22.59 9.13 -13.48
CA GLY A 210 -21.36 8.39 -13.65
C GLY A 210 -20.24 9.17 -14.30
N ILE A 211 -20.57 10.24 -15.03
CA ILE A 211 -19.57 11.03 -15.73
C ILE A 211 -19.42 12.42 -15.14
N LEU A 212 -20.44 12.96 -14.47
CA LEU A 212 -20.29 14.20 -13.72
C LEU A 212 -19.89 13.90 -12.28
N PHE A 213 -20.71 13.13 -11.56
CA PHE A 213 -20.29 12.63 -10.27
C PHE A 213 -19.35 11.44 -10.47
N GLY A 214 -18.59 11.12 -9.43
CA GLY A 214 -17.59 10.08 -9.53
C GLY A 214 -16.33 10.61 -10.21
N CYS A 215 -16.48 11.13 -11.42
CA CYS A 215 -15.34 11.76 -12.09
C CYS A 215 -14.86 12.99 -11.32
N GLY A 216 -15.80 13.79 -10.80
CA GLY A 216 -15.42 14.92 -9.97
C GLY A 216 -14.80 14.49 -8.66
N CYS A 217 -15.29 13.39 -8.09
CA CYS A 217 -14.69 12.88 -6.86
C CYS A 217 -13.23 12.48 -7.08
N SER A 218 -12.92 11.95 -8.26
CA SER A 218 -11.54 11.60 -8.55
C SER A 218 -10.64 12.83 -8.52
N PHE A 219 -11.13 13.97 -8.99
CA PHE A 219 -10.36 15.20 -8.92
C PHE A 219 -10.31 15.76 -7.51
N ALA A 220 -11.38 15.59 -6.74
CA ALA A 220 -11.46 16.16 -5.40
C ALA A 220 -10.93 15.23 -4.32
N PHE A 221 -10.40 14.06 -4.67
CA PHE A 221 -9.98 13.06 -3.70
C PHE A 221 -8.48 12.86 -3.68
N GLN A 222 -7.83 12.73 -4.83
CA GLN A 222 -6.39 12.57 -4.84
C GLN A 222 -5.67 13.71 -4.14
N PRO A 223 -6.04 14.98 -4.34
CA PRO A 223 -5.38 16.05 -3.57
C PRO A 223 -5.61 15.94 -2.07
N SER A 224 -6.66 15.26 -1.63
CA SER A 224 -6.92 15.14 -0.20
C SER A 224 -5.87 14.30 0.53
N LEU A 225 -5.01 13.60 -0.20
CA LEU A 225 -3.94 12.80 0.39
C LEU A 225 -2.57 13.42 0.22
N VAL A 226 -2.33 14.11 -0.90
CA VAL A 226 -1.02 14.71 -1.15
C VAL A 226 -0.76 15.83 -0.15
N ILE A 227 -1.76 16.66 0.12
CA ILE A 227 -1.52 17.89 0.88
C ILE A 227 -1.04 17.58 2.29
N LEU A 228 -1.61 16.53 2.91
CA LEU A 228 -1.22 16.19 4.28
C LEU A 228 0.29 16.03 4.39
N GLY A 229 0.90 15.31 3.45
CA GLY A 229 2.34 15.15 3.49
C GLY A 229 3.08 16.46 3.47
N HIS A 230 2.59 17.43 2.70
CA HIS A 230 3.22 18.74 2.63
C HIS A 230 3.06 19.54 3.92
N TYR A 231 2.39 18.99 4.94
CA TYR A 231 2.28 19.64 6.24
C TYR A 231 2.88 18.83 7.38
N PHE A 232 3.08 17.53 7.20
CA PHE A 232 3.66 16.67 8.22
C PHE A 232 4.78 15.84 7.60
N GLN A 233 5.90 15.73 8.31
CA GLN A 233 7.00 14.87 7.90
C GLN A 233 7.31 13.81 8.93
N ARG A 234 7.38 14.18 10.22
CA ARG A 234 7.67 13.24 11.28
C ARG A 234 6.42 12.66 11.91
N ARG A 235 5.29 13.36 11.83
CA ARG A 235 4.03 12.93 12.41
C ARG A 235 3.00 12.52 11.35
N LEU A 236 3.41 12.42 10.08
CA LEU A 236 2.46 12.19 9.00
C LEU A 236 1.58 10.97 9.28
N GLY A 237 2.15 9.93 9.88
CA GLY A 237 1.34 8.77 10.23
C GLY A 237 0.21 9.14 11.17
N LEU A 238 0.47 10.00 12.15
CA LEU A 238 -0.56 10.42 13.08
C LEU A 238 -1.69 11.17 12.35
N ALA A 239 -1.32 12.10 11.46
CA ALA A 239 -2.32 12.84 10.72
C ALA A 239 -3.16 11.91 9.85
N ASN A 240 -2.51 10.98 9.16
CA ASN A 240 -3.25 10.05 8.30
C ASN A 240 -4.19 9.18 9.13
N GLY A 241 -3.74 8.72 10.29
CA GLY A 241 -4.61 7.94 11.14
C GLY A 241 -5.83 8.74 11.58
N VAL A 242 -5.61 9.98 12.01
CA VAL A 242 -6.73 10.81 12.44
C VAL A 242 -7.70 11.04 11.29
N VAL A 243 -7.17 11.34 10.10
CA VAL A 243 -8.03 11.59 8.95
C VAL A 243 -8.84 10.36 8.59
N SER A 244 -8.19 9.19 8.59
CA SER A 244 -8.90 7.95 8.25
C SER A 244 -9.98 7.64 9.27
N ALA A 245 -9.69 7.81 10.56
CA ALA A 245 -10.70 7.56 11.58
C ALA A 245 -11.88 8.52 11.43
N GLY A 246 -11.60 9.80 11.20
CA GLY A 246 -12.68 10.76 11.00
C GLY A 246 -13.52 10.45 9.78
N SER A 247 -12.86 10.05 8.68
CA SER A 247 -13.58 9.71 7.47
C SER A 247 -14.45 8.48 7.69
N SER A 248 -13.95 7.49 8.43
CA SER A 248 -14.75 6.31 8.74
C SER A 248 -15.96 6.71 9.58
N ILE A 249 -15.78 7.58 10.56
CA ILE A 249 -16.91 8.06 11.35
C ILE A 249 -17.94 8.74 10.45
N PHE A 250 -17.46 9.62 9.57
CA PHE A 250 -18.34 10.35 8.68
C PHE A 250 -19.13 9.39 7.79
N SER A 251 -18.45 8.42 7.18
CA SER A 251 -19.12 7.48 6.29
C SER A 251 -20.14 6.64 7.05
N MET A 252 -19.76 6.11 8.22
CA MET A 252 -20.68 5.27 8.97
C MET A 252 -21.87 6.06 9.47
N SER A 253 -21.73 7.37 9.66
CA SER A 253 -22.84 8.18 10.14
C SER A 253 -23.63 8.84 9.01
N PHE A 254 -23.14 8.81 7.77
CA PHE A 254 -23.76 9.62 6.72
C PHE A 254 -25.09 9.04 6.27
N PRO A 255 -25.16 7.80 5.78
CA PRO A 255 -26.46 7.31 5.26
C PRO A 255 -27.58 7.42 6.28
N PHE A 256 -27.28 7.10 7.54
CA PHE A 256 -28.25 7.33 8.60
C PHE A 256 -28.59 8.82 8.71
N LEU A 257 -27.58 9.68 8.52
CA LEU A 257 -27.81 11.12 8.63
C LEU A 257 -28.84 11.59 7.60
N ILE A 258 -28.61 11.26 6.32
CA ILE A 258 -29.53 11.71 5.29
C ILE A 258 -30.88 11.02 5.43
N ARG A 259 -30.89 9.75 5.84
CA ARG A 259 -32.16 9.06 6.03
C ARG A 259 -33.01 9.75 7.11
N MET A 260 -32.43 9.99 8.28
CA MET A 260 -33.17 10.62 9.36
C MET A 260 -33.56 12.05 9.00
N LEU A 261 -32.62 12.82 8.46
CA LEU A 261 -32.89 14.21 8.09
C LEU A 261 -33.58 14.33 6.73
N GLY A 262 -33.59 13.27 5.94
CA GLY A 262 -34.20 13.33 4.62
C GLY A 262 -35.69 13.64 4.65
N ASP A 263 -36.35 13.37 5.77
CA ASP A 263 -37.78 13.60 5.91
C ASP A 263 -38.59 12.71 4.98
N LYS A 264 -38.03 11.58 4.57
CA LYS A 264 -38.71 10.61 3.71
C LYS A 264 -39.18 11.26 2.41
N ILE A 265 -38.37 12.14 1.86
CA ILE A 265 -38.65 12.76 0.57
C ILE A 265 -38.23 11.79 -0.53
N LYS A 266 -38.88 11.92 -1.69
CA LYS A 266 -38.61 11.01 -2.80
C LYS A 266 -37.18 11.16 -3.30
N LEU A 267 -36.65 10.05 -3.83
CA LEU A 267 -35.23 10.00 -4.19
C LEU A 267 -34.87 11.09 -5.19
N ALA A 268 -35.70 11.25 -6.22
CA ALA A 268 -35.37 12.23 -7.27
C ALA A 268 -35.20 13.63 -6.70
N GLN A 269 -35.97 13.97 -5.65
CA GLN A 269 -35.86 15.30 -5.07
C GLN A 269 -34.69 15.39 -4.08
N THR A 270 -34.41 14.30 -3.35
CA THR A 270 -33.38 14.32 -2.33
C THR A 270 -31.97 14.46 -2.90
N PHE A 271 -31.79 14.29 -4.21
CA PHE A 271 -30.49 14.54 -4.81
C PHE A 271 -30.03 15.97 -4.58
N GLN A 272 -30.96 16.90 -4.38
CA GLN A 272 -30.59 18.30 -4.19
C GLN A 272 -29.88 18.50 -2.85
N VAL A 273 -30.31 17.78 -1.82
CA VAL A 273 -29.71 17.97 -0.49
C VAL A 273 -28.23 17.61 -0.51
N LEU A 274 -27.89 16.45 -1.10
CA LEU A 274 -26.50 16.04 -1.16
C LEU A 274 -25.63 17.03 -1.91
N SER A 275 -26.24 17.87 -2.76
CA SER A 275 -25.47 18.86 -3.50
C SER A 275 -24.78 19.85 -2.57
N THR A 276 -25.35 20.09 -1.39
CA THR A 276 -24.79 21.11 -0.49
C THR A 276 -23.43 20.68 0.06
N PHE A 277 -23.26 19.38 0.33
CA PHE A 277 -21.98 18.92 0.88
C PHE A 277 -20.83 19.21 -0.06
N MET A 278 -21.04 19.03 -1.37
CA MET A 278 -19.98 19.33 -2.33
C MET A 278 -19.67 20.83 -2.34
N PHE A 279 -20.68 21.67 -2.23
CA PHE A 279 -20.43 23.11 -2.16
C PHE A 279 -19.61 23.46 -0.92
N VAL A 280 -19.96 22.87 0.23
CA VAL A 280 -19.17 23.12 1.43
C VAL A 280 -17.73 22.66 1.24
N LEU A 281 -17.56 21.48 0.64
CA LEU A 281 -16.22 21.01 0.33
C LEU A 281 -15.48 21.98 -0.59
N MET A 282 -16.21 22.63 -1.50
CA MET A 282 -15.61 23.65 -2.35
C MET A 282 -15.11 24.83 -1.50
N LEU A 283 -15.94 25.29 -0.56
CA LEU A 283 -15.52 26.38 0.31
C LEU A 283 -14.41 25.93 1.24
N LEU A 284 -14.54 24.74 1.84
CA LEU A 284 -13.47 24.24 2.70
C LEU A 284 -12.20 23.97 1.92
N SER A 285 -12.31 23.67 0.63
CA SER A 285 -11.12 23.46 -0.18
C SER A 285 -10.24 24.70 -0.22
N LEU A 286 -10.81 25.87 0.06
CA LEU A 286 -10.01 27.09 0.13
C LEU A 286 -8.93 27.00 1.20
N THR A 287 -9.11 26.13 2.20
CA THR A 287 -8.14 26.02 3.28
C THR A 287 -6.80 25.49 2.78
N TYR A 288 -6.79 24.67 1.74
CA TYR A 288 -5.55 24.11 1.23
C TYR A 288 -4.61 25.22 0.79
N ARG A 289 -3.36 25.15 1.24
CA ARG A 289 -2.34 26.12 0.88
C ARG A 289 -1.05 25.38 0.55
N PRO A 290 -0.27 25.85 -0.43
CA PRO A 290 0.98 25.17 -0.77
C PRO A 290 2.12 25.58 0.15
N LEU A 291 2.55 24.64 1.00
CA LEU A 291 3.71 24.85 1.85
C LEU A 291 4.79 23.82 1.54
N ASN A 320 5.08 11.34 -15.80
CA ASN A 320 4.86 10.18 -16.66
C ASN A 320 5.19 8.89 -15.90
N MET A 321 5.57 7.84 -16.64
CA MET A 321 5.90 6.55 -16.05
C MET A 321 7.34 6.49 -15.53
N ARG A 322 8.03 7.63 -15.44
CA ARG A 322 9.40 7.63 -14.95
C ARG A 322 9.49 7.01 -13.56
N VAL A 323 8.48 7.25 -12.73
CA VAL A 323 8.50 6.74 -11.36
C VAL A 323 8.53 5.22 -11.32
N PHE A 324 8.10 4.55 -12.40
CA PHE A 324 8.10 3.10 -12.41
C PHE A 324 9.48 2.51 -12.51
N ARG A 325 10.48 3.29 -12.92
CA ARG A 325 11.83 2.75 -13.05
C ARG A 325 12.38 2.27 -11.71
N GLN A 326 11.82 2.72 -10.60
CA GLN A 326 12.25 2.30 -9.27
C GLN A 326 11.63 0.95 -8.97
N ARG A 327 12.45 -0.11 -9.02
CA ARG A 327 11.94 -1.46 -8.84
C ARG A 327 11.32 -1.64 -7.46
N THR A 328 11.96 -1.09 -6.43
CA THR A 328 11.45 -1.24 -5.08
C THR A 328 10.02 -0.73 -4.95
N TYR A 329 9.65 0.26 -5.76
CA TYR A 329 8.29 0.77 -5.75
C TYR A 329 7.35 -0.03 -6.63
N ARG A 330 7.82 -0.47 -7.80
CA ARG A 330 6.95 -1.22 -8.70
C ARG A 330 6.56 -2.56 -8.09
N ILE A 331 7.49 -3.24 -7.44
CA ILE A 331 7.17 -4.52 -6.81
C ILE A 331 6.12 -4.32 -5.72
N TRP A 332 6.28 -3.26 -4.91
CA TRP A 332 5.30 -2.96 -3.88
C TRP A 332 3.93 -2.65 -4.50
N ALA A 333 3.92 -1.92 -5.61
CA ALA A 333 2.66 -1.62 -6.29
C ALA A 333 1.98 -2.90 -6.75
N PHE A 334 2.74 -3.82 -7.34
CA PHE A 334 2.17 -5.10 -7.74
C PHE A 334 1.65 -5.87 -6.54
N GLY A 335 2.40 -5.89 -5.45
CA GLY A 335 1.94 -6.59 -4.27
C GLY A 335 0.62 -6.05 -3.74
N ILE A 336 0.48 -4.73 -3.72
CA ILE A 336 -0.78 -4.13 -3.30
C ILE A 336 -1.90 -4.47 -4.28
N ALA A 337 -1.61 -4.38 -5.58
CA ALA A 337 -2.65 -4.62 -6.58
C ALA A 337 -3.19 -6.04 -6.48
N ALA A 338 -2.31 -7.03 -6.29
CA ALA A 338 -2.77 -8.41 -6.23
C ALA A 338 -3.74 -8.63 -5.08
N ALA A 339 -3.45 -8.05 -3.92
CA ALA A 339 -4.33 -8.24 -2.76
C ALA A 339 -5.66 -7.50 -2.89
N ALA A 340 -5.81 -6.62 -3.88
CA ALA A 340 -7.07 -5.91 -4.05
C ALA A 340 -8.20 -6.87 -4.36
N LEU A 341 -7.94 -7.89 -5.19
CA LEU A 341 -8.99 -8.83 -5.58
C LEU A 341 -9.66 -9.46 -4.37
N GLY A 342 -8.91 -9.71 -3.30
CA GLY A 342 -9.43 -10.35 -2.11
C GLY A 342 -9.75 -9.42 -0.96
N TYR A 343 -9.82 -8.11 -1.20
CA TYR A 343 -10.14 -7.14 -0.16
C TYR A 343 -11.59 -6.69 -0.17
N PHE A 344 -12.17 -6.53 -1.36
CA PHE A 344 -13.54 -6.05 -1.44
C PHE A 344 -14.55 -7.14 -1.11
N VAL A 345 -14.28 -8.37 -1.53
CA VAL A 345 -15.24 -9.46 -1.39
C VAL A 345 -15.60 -9.67 0.08
N PRO A 346 -14.68 -10.13 0.93
CA PRO A 346 -15.05 -10.35 2.33
C PRO A 346 -15.51 -9.09 3.03
N TYR A 347 -14.95 -7.94 2.68
CA TYR A 347 -15.30 -6.69 3.36
C TYR A 347 -16.68 -6.20 2.98
N VAL A 348 -17.25 -6.66 1.87
CA VAL A 348 -18.53 -6.18 1.38
C VAL A 348 -19.53 -7.33 1.22
N HIS A 349 -19.11 -8.43 0.60
CA HIS A 349 -19.98 -9.58 0.38
C HIS A 349 -20.27 -10.38 1.65
N LEU A 350 -19.88 -9.92 2.84
CA LEU A 350 -19.95 -10.75 4.02
C LEU A 350 -21.39 -11.16 4.36
N MET A 351 -22.30 -10.18 4.32
CA MET A 351 -23.64 -10.41 4.88
C MET A 351 -24.40 -11.50 4.13
N LYS A 352 -23.99 -11.85 2.91
CA LYS A 352 -24.73 -12.86 2.16
C LYS A 352 -24.67 -14.21 2.86
N TYR A 353 -23.51 -14.57 3.42
CA TYR A 353 -23.38 -15.85 4.10
C TYR A 353 -24.38 -15.96 5.24
N VAL A 354 -24.41 -14.96 6.13
CA VAL A 354 -25.40 -14.96 7.21
C VAL A 354 -26.81 -14.88 6.64
N GLU A 355 -26.95 -14.39 5.41
CA GLU A 355 -28.22 -14.44 4.71
C GLU A 355 -28.40 -15.75 3.94
N GLU A 356 -27.43 -16.66 4.00
CA GLU A 356 -27.42 -17.88 3.19
C GLU A 356 -27.17 -19.09 4.08
N GLU A 357 -28.24 -19.66 4.63
CA GLU A 357 -28.31 -21.00 5.21
C GLU A 357 -27.52 -21.19 6.50
N PHE A 358 -26.84 -20.15 7.01
CA PHE A 358 -26.07 -20.27 8.24
C PHE A 358 -26.76 -19.58 9.41
N SER A 359 -27.05 -18.29 9.27
CA SER A 359 -27.53 -17.51 10.40
C SER A 359 -28.94 -17.93 10.78
N GLU A 360 -29.17 -18.05 12.09
CA GLU A 360 -30.50 -18.19 12.66
C GLU A 360 -30.89 -16.99 13.51
N ILE A 361 -29.93 -16.43 14.25
CA ILE A 361 -30.08 -15.13 14.90
C ILE A 361 -29.03 -14.23 14.29
N LYS A 362 -29.45 -13.33 13.41
CA LYS A 362 -28.50 -12.59 12.57
C LYS A 362 -28.10 -11.25 13.20
N GLU A 363 -29.05 -10.35 13.39
CA GLU A 363 -28.75 -9.00 13.86
C GLU A 363 -27.49 -8.48 13.20
N THR A 364 -27.35 -8.71 11.89
CA THR A 364 -26.08 -8.46 11.22
C THR A 364 -25.68 -7.00 11.29
N TRP A 365 -26.65 -6.09 11.31
CA TRP A 365 -26.33 -4.67 11.44
C TRP A 365 -25.34 -4.45 12.58
N VAL A 366 -25.51 -5.20 13.67
CA VAL A 366 -24.54 -5.14 14.76
C VAL A 366 -23.16 -5.53 14.26
N LEU A 367 -23.07 -6.60 13.46
CA LEU A 367 -21.78 -7.03 12.95
C LEU A 367 -21.14 -5.97 12.07
N LEU A 368 -21.94 -5.37 11.18
CA LEU A 368 -21.40 -4.36 10.28
C LEU A 368 -20.93 -3.12 11.03
N VAL A 369 -21.73 -2.63 11.98
CA VAL A 369 -21.31 -1.46 12.73
C VAL A 369 -20.11 -1.77 13.62
N CYS A 370 -20.04 -3.00 14.15
CA CYS A 370 -18.86 -3.39 14.93
C CYS A 370 -17.62 -3.39 14.05
N ILE A 371 -17.72 -3.93 12.83
CA ILE A 371 -16.58 -3.91 11.92
C ILE A 371 -16.18 -2.49 11.61
N GLY A 372 -17.17 -1.60 11.41
CA GLY A 372 -16.84 -0.20 11.12
C GLY A 372 -16.12 0.47 12.26
N ALA A 373 -16.63 0.31 13.48
CA ALA A 373 -16.00 0.94 14.64
C ALA A 373 -14.61 0.38 14.87
N THR A 374 -14.44 -0.94 14.74
CA THR A 374 -13.13 -1.54 14.91
C THR A 374 -12.18 -1.13 13.80
N SER A 375 -12.69 -0.91 12.59
CA SER A 375 -11.86 -0.38 11.51
C SER A 375 -11.40 1.03 11.84
N GLY A 376 -12.29 1.85 12.40
CA GLY A 376 -11.87 3.17 12.83
C GLY A 376 -10.78 3.12 13.88
N LEU A 377 -10.96 2.25 14.89
CA LEU A 377 -9.94 2.12 15.93
C LEU A 377 -8.62 1.62 15.36
N GLY A 378 -8.69 0.63 14.46
CA GLY A 378 -7.47 0.10 13.87
C GLY A 378 -6.76 1.12 13.01
N ARG A 379 -7.51 1.92 12.24
CA ARG A 379 -6.91 2.99 11.47
C ARG A 379 -6.23 3.99 12.40
N LEU A 380 -6.91 4.38 13.48
CA LEU A 380 -6.32 5.34 14.42
C LEU A 380 -5.02 4.81 15.00
N VAL A 381 -5.03 3.54 15.45
CA VAL A 381 -3.83 2.97 16.06
C VAL A 381 -2.71 2.84 15.03
N SER A 382 -3.03 2.27 13.86
CA SER A 382 -2.01 2.07 12.83
C SER A 382 -1.39 3.38 12.41
N GLY A 383 -2.15 4.48 12.46
CA GLY A 383 -1.56 5.77 12.15
C GLY A 383 -0.41 6.11 13.07
N HIS A 384 -0.58 5.86 14.37
CA HIS A 384 0.45 6.21 15.34
C HIS A 384 1.64 5.26 15.30
N ILE A 385 1.38 3.96 15.17
CA ILE A 385 2.47 2.99 15.25
C ILE A 385 3.49 3.24 14.15
N SER A 386 3.02 3.53 12.93
CA SER A 386 3.95 3.85 11.85
C SER A 386 4.86 5.01 12.22
N ASP A 387 4.39 5.89 13.12
CA ASP A 387 5.25 6.96 13.61
C ASP A 387 6.48 6.41 14.31
N SER A 388 6.41 5.18 14.81
CA SER A 388 7.50 4.58 15.57
C SER A 388 8.48 3.81 14.69
N ILE A 389 7.97 2.96 13.81
CA ILE A 389 8.82 2.13 12.95
C ILE A 389 9.60 3.05 12.02
N PRO A 390 10.93 2.98 12.00
CA PRO A 390 11.70 3.98 11.24
C PRO A 390 11.81 3.63 9.77
N GLY A 391 11.45 4.60 8.92
CA GLY A 391 11.77 4.49 7.51
C GLY A 391 11.07 3.33 6.82
N LEU A 392 11.80 2.70 5.90
CA LEU A 392 11.20 1.70 5.02
C LEU A 392 10.71 0.47 5.76
N LYS A 393 11.20 0.22 6.98
CA LYS A 393 10.79 -0.97 7.71
C LYS A 393 9.28 -1.06 7.88
N LYS A 394 8.55 0.03 7.67
CA LYS A 394 7.10 0.03 7.86
C LYS A 394 6.43 -1.07 7.04
N ILE A 395 6.96 -1.36 5.85
CA ILE A 395 6.30 -2.31 4.95
C ILE A 395 6.01 -3.63 5.64
N TYR A 396 6.86 -4.02 6.60
CA TYR A 396 6.63 -5.27 7.31
C TYR A 396 5.29 -5.29 8.02
N LEU A 397 4.74 -4.13 8.37
CA LEU A 397 3.38 -4.09 8.88
C LEU A 397 2.39 -4.56 7.83
N GLN A 398 2.58 -4.12 6.58
CA GLN A 398 1.65 -4.50 5.52
C GLN A 398 1.70 -6.01 5.27
N VAL A 399 2.88 -6.61 5.34
CA VAL A 399 2.98 -8.06 5.15
C VAL A 399 2.22 -8.79 6.25
N LEU A 400 2.45 -8.38 7.50
CA LEU A 400 1.80 -9.04 8.63
C LEU A 400 0.29 -8.83 8.64
N SER A 401 -0.19 -7.76 8.02
CA SER A 401 -1.63 -7.54 7.91
C SER A 401 -2.23 -8.31 6.74
N PHE A 402 -1.55 -8.32 5.58
CA PHE A 402 -2.05 -9.09 4.45
C PHE A 402 -2.14 -10.56 4.79
N LEU A 403 -1.10 -11.11 5.41
CA LEU A 403 -1.10 -12.54 5.73
C LEU A 403 -2.25 -12.88 6.66
N LEU A 404 -2.47 -12.07 7.69
CA LEU A 404 -3.52 -12.37 8.65
C LEU A 404 -4.90 -12.13 8.06
N LEU A 405 -5.05 -11.13 7.18
CA LEU A 405 -6.32 -10.94 6.50
C LEU A 405 -6.65 -12.15 5.63
N GLY A 406 -5.66 -12.64 4.89
CA GLY A 406 -5.89 -13.83 4.09
C GLY A 406 -6.26 -15.04 4.93
N LEU A 407 -5.50 -15.27 6.00
CA LEU A 407 -5.77 -16.44 6.85
C LEU A 407 -7.13 -16.34 7.50
N MET A 408 -7.49 -15.16 8.01
CA MET A 408 -8.75 -15.01 8.73
C MET A 408 -9.95 -15.34 7.84
N SER A 409 -9.97 -14.78 6.64
CA SER A 409 -11.09 -15.04 5.73
C SER A 409 -11.25 -16.53 5.50
N MET A 410 -10.14 -17.25 5.35
CA MET A 410 -10.22 -18.70 5.17
C MET A 410 -10.80 -19.40 6.40
N MET A 411 -10.71 -18.77 7.57
CA MET A 411 -11.27 -19.35 8.80
C MET A 411 -12.73 -18.96 9.02
N ILE A 412 -13.27 -18.03 8.24
CA ILE A 412 -14.67 -17.64 8.41
C ILE A 412 -15.60 -18.82 8.13
N PRO A 413 -15.48 -19.55 7.02
CA PRO A 413 -16.36 -20.71 6.81
C PRO A 413 -16.19 -21.79 7.86
N LEU A 414 -15.03 -21.86 8.51
CA LEU A 414 -14.74 -22.91 9.48
C LEU A 414 -15.16 -22.52 10.89
N CYS A 415 -14.82 -21.29 11.31
CA CYS A 415 -15.19 -20.80 12.64
C CYS A 415 -16.66 -20.37 12.64
N ARG A 416 -17.54 -21.35 12.39
CA ARG A 416 -18.95 -21.06 12.25
C ARG A 416 -19.59 -20.62 13.56
N ASP A 417 -19.08 -21.11 14.69
CA ASP A 417 -19.64 -20.75 15.98
C ASP A 417 -19.85 -19.23 16.05
N PHE A 418 -21.10 -18.82 16.23
CA PHE A 418 -21.46 -17.43 16.00
C PHE A 418 -20.64 -16.49 16.87
N GLY A 419 -20.34 -16.89 18.11
CA GLY A 419 -19.44 -16.10 18.92
C GLY A 419 -18.06 -16.00 18.30
N GLY A 420 -17.51 -17.15 17.90
CA GLY A 420 -16.23 -17.14 17.23
C GLY A 420 -16.27 -16.40 15.90
N LEU A 421 -17.38 -16.52 15.18
CA LEU A 421 -17.51 -15.80 13.92
C LEU A 421 -17.50 -14.30 14.16
N ILE A 422 -18.20 -13.84 15.20
CA ILE A 422 -18.20 -12.42 15.53
C ILE A 422 -16.81 -11.96 15.93
N VAL A 423 -16.09 -12.79 16.68
CA VAL A 423 -14.72 -12.44 17.07
C VAL A 423 -13.83 -12.31 15.83
N VAL A 424 -13.97 -13.26 14.90
CA VAL A 424 -13.16 -13.21 13.68
C VAL A 424 -13.51 -11.99 12.86
N CYS A 425 -14.80 -11.63 12.79
CA CYS A 425 -15.20 -10.41 12.10
C CYS A 425 -14.60 -9.18 12.78
N LEU A 426 -14.60 -9.16 14.11
CA LEU A 426 -13.96 -8.07 14.83
C LEU A 426 -12.49 -7.95 14.43
N PHE A 427 -11.79 -9.08 14.38
CA PHE A 427 -10.41 -9.06 13.92
C PHE A 427 -10.32 -8.53 12.50
N LEU A 428 -11.25 -8.94 11.63
CA LEU A 428 -11.25 -8.46 10.26
C LEU A 428 -11.35 -6.94 10.22
N GLY A 429 -12.20 -6.37 11.07
CA GLY A 429 -12.30 -4.92 11.11
C GLY A 429 -11.00 -4.26 11.54
N LEU A 430 -10.34 -4.81 12.57
CA LEU A 430 -9.08 -4.24 13.02
C LEU A 430 -8.01 -4.34 11.94
N CYS A 431 -7.94 -5.48 11.24
CA CYS A 431 -6.94 -5.65 10.19
C CYS A 431 -7.13 -4.65 9.06
N ASP A 432 -8.32 -4.04 8.93
CA ASP A 432 -8.55 -3.10 7.84
C ASP A 432 -7.63 -1.89 7.94
N GLY A 433 -7.45 -1.37 9.15
CA GLY A 433 -6.70 -0.13 9.30
C GLY A 433 -5.30 -0.22 8.72
N PHE A 434 -4.59 -1.30 9.04
CA PHE A 434 -3.24 -1.47 8.51
C PHE A 434 -3.24 -1.57 6.99
N PHE A 435 -4.36 -1.97 6.39
CA PHE A 435 -4.39 -2.17 4.94
C PHE A 435 -4.38 -0.84 4.19
N ILE A 436 -5.19 0.13 4.65
CA ILE A 436 -5.43 1.35 3.88
C ILE A 436 -4.61 2.51 4.42
N THR A 437 -4.81 2.83 5.70
CA THR A 437 -4.25 4.06 6.27
C THR A 437 -2.75 4.14 6.03
N ILE A 438 -2.01 3.05 6.23
CA ILE A 438 -0.56 3.09 6.19
C ILE A 438 -0.01 3.13 4.78
N MET A 439 -0.86 3.18 3.75
CA MET A 439 -0.35 3.18 2.38
C MET A 439 0.28 4.52 2.01
N ALA A 440 -0.37 5.63 2.39
CA ALA A 440 0.15 6.94 2.00
C ALA A 440 1.50 7.23 2.64
N PRO A 441 1.70 7.04 3.94
CA PRO A 441 3.04 7.29 4.51
C PRO A 441 4.14 6.47 3.85
N ILE A 442 3.87 5.20 3.55
CA ILE A 442 4.87 4.38 2.88
C ILE A 442 5.13 4.90 1.47
N ALA A 443 4.07 5.37 0.81
CA ALA A 443 4.24 5.95 -0.52
C ALA A 443 5.15 7.17 -0.47
N PHE A 444 4.97 8.02 0.54
CA PHE A 444 5.86 9.17 0.70
C PHE A 444 7.28 8.72 1.00
N GLU A 445 7.44 7.73 1.86
CA GLU A 445 8.77 7.27 2.23
C GLU A 445 9.53 6.71 1.04
N LEU A 446 8.85 5.91 0.21
CA LEU A 446 9.55 5.21 -0.87
C LEU A 446 10.14 6.19 -1.88
N VAL A 447 9.37 7.20 -2.28
CA VAL A 447 9.78 8.10 -3.36
C VAL A 447 9.91 9.54 -2.90
N GLY A 448 9.67 9.84 -1.63
CA GLY A 448 9.79 11.19 -1.13
C GLY A 448 8.57 12.01 -1.45
N PRO A 449 8.61 13.30 -1.11
CA PRO A 449 7.45 14.17 -1.34
C PRO A 449 7.28 14.63 -2.78
N MET A 450 8.40 14.84 -3.47
CA MET A 450 8.34 15.41 -4.82
C MET A 450 7.66 14.48 -5.82
N GLN A 451 7.59 13.18 -5.53
CA GLN A 451 6.94 12.23 -6.43
C GLN A 451 5.84 11.45 -5.72
N ALA A 452 5.35 11.96 -4.59
CA ALA A 452 4.26 11.28 -3.89
C ALA A 452 2.98 11.30 -4.73
N SER A 453 2.70 12.42 -5.38
CA SER A 453 1.46 12.55 -6.15
C SER A 453 1.41 11.52 -7.28
N GLN A 454 2.47 11.47 -8.09
CA GLN A 454 2.47 10.55 -9.23
C GLN A 454 2.41 9.11 -8.76
N ALA A 455 3.19 8.77 -7.72
CA ALA A 455 3.20 7.39 -7.23
C ALA A 455 1.83 6.99 -6.71
N ILE A 456 1.18 7.87 -5.95
CA ILE A 456 -0.14 7.53 -5.41
C ILE A 456 -1.16 7.43 -6.55
N GLY A 457 -1.06 8.31 -7.55
CA GLY A 457 -1.99 8.24 -8.66
C GLY A 457 -1.87 6.93 -9.41
N TYR A 458 -0.64 6.52 -9.73
CA TYR A 458 -0.45 5.28 -10.48
C TYR A 458 -0.64 4.05 -9.61
N LEU A 459 -0.61 4.19 -8.28
CA LEU A 459 -1.02 3.09 -7.41
C LEU A 459 -2.53 2.93 -7.42
N LEU A 460 -3.27 4.05 -7.34
CA LEU A 460 -4.73 3.96 -7.36
C LEU A 460 -5.24 3.52 -8.73
N GLY A 461 -4.52 3.86 -9.79
CA GLY A 461 -4.93 3.41 -11.12
C GLY A 461 -4.95 1.90 -11.25
N MET A 462 -4.01 1.21 -10.61
CA MET A 462 -3.89 -0.23 -10.74
C MET A 462 -4.85 -1.01 -9.83
N MET A 463 -5.50 -0.35 -8.88
CA MET A 463 -6.43 -1.02 -7.98
C MET A 463 -7.87 -0.94 -8.46
N ALA A 464 -8.13 -0.33 -9.61
CA ALA A 464 -9.51 -0.21 -10.08
C ALA A 464 -10.03 -1.53 -10.65
N LEU A 465 -9.41 -2.03 -11.70
CA LEU A 465 -9.87 -3.27 -12.31
C LEU A 465 -9.78 -4.45 -11.36
N PRO A 466 -8.67 -4.68 -10.65
CA PRO A 466 -8.65 -5.81 -9.70
C PRO A 466 -9.71 -5.71 -8.62
N MET A 467 -9.97 -4.49 -8.13
CA MET A 467 -10.93 -4.34 -7.03
C MET A 467 -12.37 -4.51 -7.50
N ILE A 468 -12.71 -3.96 -8.67
CA ILE A 468 -14.10 -3.99 -9.12
C ILE A 468 -14.49 -5.32 -9.73
N ALA A 469 -13.53 -6.18 -10.05
CA ALA A 469 -13.83 -7.49 -10.63
C ALA A 469 -13.98 -8.59 -9.59
N GLY A 470 -13.73 -8.30 -8.32
CA GLY A 470 -13.75 -9.31 -7.29
C GLY A 470 -15.15 -9.80 -6.94
N PRO A 471 -16.05 -8.88 -6.61
CA PRO A 471 -17.38 -9.29 -6.15
C PRO A 471 -18.12 -10.09 -7.21
N PRO A 472 -18.10 -9.68 -8.48
CA PRO A 472 -18.73 -10.51 -9.51
C PRO A 472 -18.11 -11.88 -9.62
N ILE A 473 -16.79 -11.97 -9.51
CA ILE A 473 -16.12 -13.26 -9.63
C ILE A 473 -16.56 -14.17 -8.50
N ALA A 474 -16.65 -13.65 -7.28
CA ALA A 474 -17.13 -14.47 -6.16
C ALA A 474 -18.60 -14.87 -6.35
N GLY A 475 -19.43 -13.92 -6.78
CA GLY A 475 -20.85 -14.17 -6.94
C GLY A 475 -21.17 -15.12 -8.07
N LEU A 476 -20.22 -15.32 -9.01
CA LEU A 476 -20.38 -16.36 -10.01
C LEU A 476 -19.62 -17.63 -9.66
N LEU A 477 -18.62 -17.57 -8.80
CA LEU A 477 -18.01 -18.79 -8.27
C LEU A 477 -19.01 -19.54 -7.41
N ARG A 478 -19.82 -18.82 -6.64
CA ARG A 478 -20.87 -19.49 -5.88
C ARG A 478 -21.83 -20.25 -6.80
N ASN A 479 -22.04 -19.74 -8.01
CA ASN A 479 -22.84 -20.45 -9.01
C ASN A 479 -22.07 -21.63 -9.60
N CYS A 480 -20.78 -21.43 -9.83
CA CYS A 480 -19.96 -22.51 -10.40
C CYS A 480 -19.94 -23.73 -9.48
N PHE A 481 -19.83 -23.50 -8.17
CA PHE A 481 -19.81 -24.58 -7.20
C PHE A 481 -21.18 -24.84 -6.57
N GLY A 482 -22.09 -23.88 -6.62
CA GLY A 482 -23.45 -24.09 -6.17
C GLY A 482 -23.68 -23.86 -4.68
N ASP A 483 -22.64 -23.64 -3.90
CA ASP A 483 -22.78 -23.34 -2.49
C ASP A 483 -21.89 -22.15 -2.14
N TYR A 484 -22.34 -21.35 -1.18
CA TYR A 484 -21.70 -20.06 -0.88
C TYR A 484 -20.65 -20.19 0.22
N HIS A 485 -20.06 -21.36 0.41
CA HIS A 485 -18.92 -21.53 1.29
C HIS A 485 -17.59 -21.41 0.58
N VAL A 486 -17.58 -21.38 -0.76
CA VAL A 486 -16.34 -21.39 -1.51
C VAL A 486 -15.85 -19.99 -1.85
N ALA A 487 -16.75 -19.00 -1.89
CA ALA A 487 -16.33 -17.64 -2.18
C ALA A 487 -15.27 -17.17 -1.19
N PHE A 488 -15.46 -17.48 0.09
CA PHE A 488 -14.46 -17.11 1.09
C PHE A 488 -13.14 -17.81 0.83
N TYR A 489 -13.19 -19.12 0.52
CA TYR A 489 -11.97 -19.84 0.19
C TYR A 489 -11.24 -19.17 -0.96
N PHE A 490 -11.97 -18.61 -1.92
CA PHE A 490 -11.32 -17.81 -2.95
C PHE A 490 -10.86 -16.46 -2.42
N ALA A 491 -11.47 -15.97 -1.35
CA ALA A 491 -11.18 -14.63 -0.85
C ALA A 491 -9.83 -14.54 -0.13
N GLY A 492 -9.17 -15.67 0.11
CA GLY A 492 -7.93 -15.65 0.89
C GLY A 492 -6.67 -15.85 0.07
N VAL A 493 -6.81 -16.17 -1.22
CA VAL A 493 -5.64 -16.45 -2.05
C VAL A 493 -4.98 -15.15 -2.51
N PRO A 494 -5.73 -14.17 -3.03
CA PRO A 494 -5.10 -12.95 -3.54
C PRO A 494 -4.27 -12.25 -2.48
N PRO A 495 -4.80 -12.04 -1.26
CA PRO A 495 -4.01 -11.30 -0.26
C PRO A 495 -2.79 -12.07 0.22
N ILE A 496 -2.88 -13.38 0.35
CA ILE A 496 -1.70 -14.16 0.75
C ILE A 496 -0.64 -14.11 -0.34
N ILE A 497 -1.06 -14.19 -1.60
CA ILE A 497 -0.10 -14.05 -2.69
C ILE A 497 0.56 -12.69 -2.65
N GLY A 498 -0.24 -11.64 -2.43
CA GLY A 498 0.34 -10.30 -2.32
C GLY A 498 1.33 -10.19 -1.17
N ALA A 499 0.99 -10.79 -0.02
CA ALA A 499 1.91 -10.80 1.11
C ALA A 499 3.21 -11.50 0.75
N VAL A 500 3.12 -12.62 0.02
CA VAL A 500 4.34 -13.29 -0.44
C VAL A 500 5.13 -12.38 -1.36
N ILE A 501 4.45 -11.57 -2.16
CA ILE A 501 5.16 -10.66 -3.06
C ILE A 501 5.88 -9.58 -2.28
N LEU A 502 5.20 -8.97 -1.30
CA LEU A 502 5.80 -7.86 -0.57
C LEU A 502 7.00 -8.29 0.25
N PHE A 503 7.02 -9.55 0.71
CA PHE A 503 8.12 -10.00 1.55
C PHE A 503 9.47 -9.90 0.85
N PHE A 504 9.48 -9.88 -0.48
CA PHE A 504 10.72 -9.83 -1.24
C PHE A 504 11.06 -8.44 -1.77
N VAL A 505 10.39 -7.40 -1.27
CA VAL A 505 10.72 -6.04 -1.68
C VAL A 505 12.15 -5.76 -1.23
N PRO A 506 13.07 -5.42 -2.12
CA PRO A 506 14.47 -5.25 -1.71
C PRO A 506 14.62 -4.15 -0.68
N SER A 507 15.54 -4.37 0.26
CA SER A 507 15.92 -3.32 1.18
C SER A 507 16.74 -2.26 0.46
N ARG A 508 16.71 -1.04 1.00
CA ARG A 508 17.52 0.03 0.43
C ARG A 508 18.98 -0.37 0.39
N LEU A 509 19.47 -0.98 1.47
CA LEU A 509 20.86 -1.43 1.49
C LEU A 509 21.10 -2.51 0.44
N GLU A 510 20.19 -3.47 0.33
CA GLU A 510 20.35 -4.54 -0.65
C GLU A 510 20.19 -4.03 -2.07
N GLU A 511 19.25 -3.10 -2.28
CA GLU A 511 19.09 -2.50 -3.60
C GLU A 511 20.36 -1.73 -3.98
N GLU A 512 20.98 -1.06 -3.01
CA GLU A 512 22.27 -0.42 -3.27
C GLU A 512 23.33 -1.45 -3.62
N LEU A 513 23.39 -2.55 -2.86
CA LEU A 513 24.33 -3.62 -3.15
C LEU A 513 24.21 -4.05 -4.61
N ARG A 514 22.99 -4.31 -5.06
CA ARG A 514 22.78 -4.64 -6.47
C ARG A 514 23.21 -3.47 -7.36
N ARG A 515 22.95 -2.24 -6.91
CA ARG A 515 23.41 -1.07 -7.64
C ARG A 515 24.93 -1.02 -7.69
N ARG A 516 25.60 -1.51 -6.66
CA ARG A 516 27.05 -1.56 -6.67
C ARG A 516 27.59 -2.55 -7.71
N LEU A 517 26.73 -3.42 -8.24
CA LEU A 517 27.14 -4.32 -9.32
C LEU A 517 27.28 -3.62 -10.65
N THR A 518 26.90 -2.34 -10.74
CA THR A 518 26.96 -1.62 -12.01
C THR A 518 28.34 -1.73 -12.65
N GLU A 519 29.40 -1.62 -11.85
CA GLU A 519 30.74 -1.75 -12.36
C GLU A 519 30.99 -3.17 -12.88
N VAL B 4 37.69 3.51 12.61
CA VAL B 4 37.13 2.21 12.15
C VAL B 4 37.84 1.78 10.87
N GLN B 5 38.39 0.57 10.87
CA GLN B 5 39.11 0.05 9.72
C GLN B 5 39.14 -1.48 9.80
N LEU B 6 39.17 -2.11 8.64
CA LEU B 6 39.26 -3.56 8.53
C LEU B 6 40.72 -3.96 8.38
N GLN B 7 41.21 -4.78 9.30
CA GLN B 7 42.61 -5.20 9.26
C GLN B 7 42.87 -6.08 8.04
N GLU B 8 44.04 -5.91 7.44
CA GLU B 8 44.39 -6.67 6.25
C GLU B 8 44.49 -8.15 6.55
N SER B 9 44.17 -8.97 5.56
CA SER B 9 44.24 -10.42 5.69
C SER B 9 43.96 -11.02 4.31
N GLY B 10 44.04 -12.34 4.22
CA GLY B 10 43.75 -13.05 2.99
C GLY B 10 45.00 -13.43 2.23
N GLY B 11 44.77 -13.86 0.99
CA GLY B 11 45.85 -14.27 0.10
C GLY B 11 45.99 -15.78 0.02
N GLY B 12 46.73 -16.21 -1.00
CA GLY B 12 47.00 -17.62 -1.19
C GLY B 12 47.29 -18.02 -2.61
N LEU B 13 48.24 -18.93 -2.79
CA LEU B 13 48.58 -19.51 -4.09
C LEU B 13 48.10 -20.95 -4.10
N VAL B 14 47.24 -21.29 -5.06
CA VAL B 14 46.56 -22.57 -5.08
C VAL B 14 46.65 -23.18 -6.48
N GLN B 15 46.54 -24.50 -6.53
CA GLN B 15 46.46 -25.22 -7.78
C GLN B 15 45.03 -25.19 -8.32
N PRO B 16 44.85 -25.49 -9.61
CA PRO B 16 43.49 -25.56 -10.15
C PRO B 16 42.64 -26.58 -9.38
N GLY B 17 41.39 -26.22 -9.15
CA GLY B 17 40.48 -27.08 -8.41
C GLY B 17 40.62 -27.01 -6.90
N GLY B 18 41.54 -26.19 -6.38
CA GLY B 18 41.75 -26.10 -4.96
C GLY B 18 40.75 -25.19 -4.27
N SER B 19 40.87 -25.12 -2.95
CA SER B 19 40.00 -24.32 -2.10
C SER B 19 40.82 -23.38 -1.24
N LEU B 20 40.24 -22.24 -0.91
CA LEU B 20 40.91 -21.24 -0.08
C LEU B 20 39.91 -20.65 0.91
N ARG B 21 40.41 -20.32 2.10
CA ARG B 21 39.60 -19.75 3.16
C ARG B 21 40.20 -18.42 3.60
N LEU B 22 39.34 -17.42 3.81
CA LEU B 22 39.77 -16.07 4.12
C LEU B 22 38.86 -15.47 5.17
N SER B 23 39.32 -14.41 5.81
CA SER B 23 38.54 -13.69 6.81
C SER B 23 39.20 -12.35 7.06
N CYS B 24 38.51 -11.51 7.84
CA CYS B 24 39.01 -10.19 8.19
C CYS B 24 38.46 -9.80 9.56
N THR B 25 39.02 -8.73 10.11
CA THR B 25 38.65 -8.27 11.44
C THR B 25 38.26 -6.79 11.38
N ALA B 26 37.20 -6.44 12.11
CA ALA B 26 36.74 -5.07 12.22
C ALA B 26 37.21 -4.49 13.55
N SER B 27 37.91 -3.36 13.49
CA SER B 27 38.51 -2.75 14.67
C SER B 27 37.75 -1.48 15.04
N GLY B 28 37.41 -1.35 16.32
CA GLY B 28 36.75 -0.15 16.81
C GLY B 28 35.26 -0.08 16.57
N VAL B 29 34.67 -1.10 15.97
CA VAL B 29 33.24 -1.12 15.67
C VAL B 29 32.50 -1.77 16.83
N THR B 30 31.39 -1.16 17.24
CA THR B 30 30.52 -1.75 18.25
C THR B 30 29.50 -2.65 17.57
N ILE B 31 29.01 -3.64 18.32
CA ILE B 31 28.03 -4.57 17.75
C ILE B 31 26.80 -3.81 17.30
N SER B 32 26.37 -2.81 18.08
CA SER B 32 25.27 -1.96 17.65
C SER B 32 25.62 -1.23 16.35
N ALA B 33 26.84 -0.71 16.27
CA ALA B 33 27.28 -0.05 15.03
C ALA B 33 27.45 -1.03 13.89
N LEU B 34 27.68 -2.31 14.17
CA LEU B 34 27.83 -3.30 13.10
C LEU B 34 26.50 -3.53 12.39
N ASN B 35 25.40 -3.61 13.13
CA ASN B 35 24.10 -3.72 12.51
C ASN B 35 23.82 -2.48 11.66
N ALA B 36 22.93 -2.64 10.68
CA ALA B 36 22.70 -1.65 9.64
C ALA B 36 23.90 -1.48 8.72
N MET B 37 24.79 -2.46 8.69
CA MET B 37 25.94 -2.46 7.79
C MET B 37 26.06 -3.84 7.16
N ALA B 38 26.75 -3.89 6.03
CA ALA B 38 26.98 -5.13 5.30
C ALA B 38 28.48 -5.31 5.08
N MET B 39 28.90 -6.56 4.99
CA MET B 39 30.30 -6.90 4.82
C MET B 39 30.45 -7.92 3.71
N GLY B 40 31.59 -7.87 3.03
CA GLY B 40 31.85 -8.78 1.93
C GLY B 40 33.28 -8.69 1.43
N TRP B 41 33.47 -8.81 0.13
CA TRP B 41 34.81 -8.78 -0.46
C TRP B 41 34.73 -8.15 -1.85
N TYR B 42 35.89 -7.73 -2.34
CA TYR B 42 36.03 -7.16 -3.67
C TYR B 42 37.13 -7.89 -4.42
N ARG B 43 37.08 -7.81 -5.74
CA ARG B 43 38.06 -8.45 -6.60
C ARG B 43 38.65 -7.43 -7.58
N GLN B 44 39.94 -7.60 -7.87
CA GLN B 44 40.62 -6.77 -8.87
C GLN B 44 41.62 -7.68 -9.60
N ALA B 45 41.17 -8.27 -10.71
CA ALA B 45 42.03 -9.11 -11.52
C ALA B 45 43.02 -8.26 -12.32
N PRO B 46 44.12 -8.86 -12.78
CA PRO B 46 45.09 -8.10 -13.58
C PRO B 46 44.43 -7.37 -14.74
N GLY B 47 44.56 -6.05 -14.77
CA GLY B 47 43.92 -5.25 -15.79
C GLY B 47 42.46 -4.93 -15.53
N GLU B 48 41.90 -5.39 -14.41
CA GLU B 48 40.51 -5.16 -14.07
C GLU B 48 40.40 -4.18 -12.91
N ARG B 49 39.33 -3.39 -12.91
CA ARG B 49 39.06 -2.45 -11.84
C ARG B 49 38.51 -3.19 -10.62
N ARG B 50 38.68 -2.57 -9.45
CA ARG B 50 38.13 -3.12 -8.22
C ARG B 50 36.62 -3.25 -8.33
N VAL B 51 36.10 -4.48 -8.33
CA VAL B 51 34.68 -4.75 -8.38
C VAL B 51 34.32 -5.71 -7.26
N MET B 52 33.08 -5.62 -6.79
CA MET B 52 32.65 -6.45 -5.67
C MET B 52 32.48 -7.90 -6.10
N VAL B 53 32.63 -8.81 -5.14
CA VAL B 53 32.50 -10.24 -5.37
C VAL B 53 31.18 -10.76 -4.82
N ALA B 54 31.00 -10.67 -3.50
CA ALA B 54 29.76 -11.08 -2.85
C ALA B 54 29.82 -10.59 -1.40
N ALA B 55 28.67 -10.12 -0.92
CA ALA B 55 28.59 -9.57 0.42
C ALA B 55 27.32 -10.08 1.07
N VAL B 56 27.13 -9.72 2.33
CA VAL B 56 25.97 -10.12 3.11
C VAL B 56 25.30 -8.86 3.64
N SER B 57 24.00 -8.73 3.40
CA SER B 57 23.27 -7.52 3.73
C SER B 57 23.04 -7.43 5.23
N GLU B 58 22.44 -6.31 5.65
CA GLU B 58 22.05 -6.17 7.05
C GLU B 58 21.03 -7.23 7.43
N ARG B 59 20.10 -7.55 6.53
CA ARG B 59 19.11 -8.59 6.78
C ARG B 59 19.73 -9.97 6.84
N GLY B 60 20.99 -10.13 6.44
CA GLY B 60 21.70 -11.38 6.53
C GLY B 60 21.86 -12.12 5.22
N ASN B 61 21.09 -11.75 4.20
CA ASN B 61 21.20 -12.40 2.89
C ASN B 61 22.33 -11.78 2.08
N ALA B 62 22.72 -12.49 1.02
CA ALA B 62 23.89 -12.12 0.23
C ALA B 62 23.49 -11.86 -1.22
N MET B 63 24.09 -10.82 -1.80
CA MET B 63 23.96 -10.51 -3.21
C MET B 63 25.30 -10.77 -3.90
N TYR B 64 25.22 -11.29 -5.12
CA TYR B 64 26.41 -11.82 -5.79
C TYR B 64 26.58 -11.16 -7.16
N ARG B 65 27.82 -11.19 -7.64
CA ARG B 65 28.14 -10.76 -8.99
C ARG B 65 27.99 -11.92 -9.96
N GLU B 66 27.72 -11.59 -11.23
CA GLU B 66 27.33 -12.62 -12.19
C GLU B 66 28.42 -13.66 -12.38
N SER B 67 29.67 -13.23 -12.52
CA SER B 67 30.75 -14.15 -12.85
C SER B 67 31.21 -15.00 -11.68
N VAL B 68 30.83 -14.66 -10.45
CA VAL B 68 31.27 -15.38 -9.27
C VAL B 68 30.13 -16.04 -8.51
N GLN B 69 28.87 -15.66 -8.76
CA GLN B 69 27.76 -16.28 -8.05
C GLN B 69 27.75 -17.78 -8.32
N GLY B 70 27.64 -18.56 -7.24
CA GLY B 70 27.71 -20.00 -7.34
C GLY B 70 29.12 -20.56 -7.33
N ARG B 71 30.13 -19.72 -7.15
CA ARG B 71 31.52 -20.15 -7.11
C ARG B 71 32.21 -19.84 -5.80
N PHE B 72 31.92 -18.68 -5.19
CA PHE B 72 32.52 -18.27 -3.94
C PHE B 72 31.42 -17.97 -2.92
N THR B 73 31.72 -18.25 -1.65
CA THR B 73 30.75 -18.13 -0.57
C THR B 73 31.36 -17.35 0.58
N VAL B 74 30.50 -16.62 1.29
CA VAL B 74 30.91 -15.79 2.43
C VAL B 74 29.85 -15.93 3.53
N THR B 75 30.17 -15.36 4.69
CA THR B 75 29.23 -15.32 5.80
C THR B 75 29.49 -14.06 6.62
N ARG B 76 28.49 -13.66 7.40
CA ARG B 76 28.54 -12.37 8.09
C ARG B 76 29.54 -12.40 9.24
N ASP B 77 29.49 -13.42 10.08
CA ASP B 77 30.34 -13.50 11.27
C ASP B 77 30.17 -12.26 12.15
N PHE B 78 28.92 -11.81 12.29
CA PHE B 78 28.65 -10.61 13.08
C PHE B 78 29.00 -10.81 14.56
N THR B 79 28.94 -12.05 15.04
CA THR B 79 29.18 -12.30 16.47
C THR B 79 30.58 -11.87 16.88
N ASN B 80 31.58 -12.17 16.05
CA ASN B 80 32.96 -11.83 16.35
C ASN B 80 33.36 -10.47 15.81
N LYS B 81 32.44 -9.72 15.21
CA LYS B 81 32.74 -8.49 14.50
C LYS B 81 33.67 -8.72 13.32
N MET B 82 33.71 -9.96 12.82
CA MET B 82 34.59 -10.36 11.73
C MET B 82 33.76 -10.74 10.52
N VAL B 83 34.45 -11.16 9.46
CA VAL B 83 33.83 -11.64 8.23
C VAL B 83 34.69 -12.77 7.70
N SER B 84 34.03 -13.78 7.11
CA SER B 84 34.70 -14.97 6.61
C SER B 84 34.37 -15.17 5.14
N LEU B 85 35.38 -15.56 4.37
CA LEU B 85 35.23 -15.86 2.95
C LEU B 85 35.91 -17.20 2.68
N GLN B 86 35.26 -18.03 1.87
CA GLN B 86 35.80 -19.33 1.49
C GLN B 86 35.61 -19.54 0.00
N MET B 87 36.49 -20.37 -0.57
CA MET B 87 36.50 -20.64 -1.99
C MET B 87 36.64 -22.13 -2.24
N ASP B 88 36.25 -22.55 -3.43
CA ASP B 88 36.39 -23.95 -3.82
C ASP B 88 36.39 -24.04 -5.35
N ASN B 89 37.08 -25.05 -5.87
CA ASN B 89 37.17 -25.28 -7.31
C ASN B 89 37.74 -24.05 -8.03
N LEU B 90 38.88 -23.56 -7.54
CA LEU B 90 39.54 -22.42 -8.16
C LEU B 90 40.17 -22.83 -9.49
N LYS B 91 40.28 -21.86 -10.39
CA LYS B 91 40.83 -22.06 -11.72
C LYS B 91 41.79 -20.94 -12.04
N PRO B 92 42.67 -21.13 -13.04
CA PRO B 92 43.74 -20.14 -13.28
C PRO B 92 43.23 -18.71 -13.48
N GLU B 93 42.11 -18.54 -14.17
CA GLU B 93 41.58 -17.20 -14.41
C GLU B 93 41.00 -16.57 -13.16
N ASP B 94 40.84 -17.32 -12.07
CA ASP B 94 40.29 -16.78 -10.84
C ASP B 94 41.29 -15.88 -10.10
N THR B 95 42.54 -15.81 -10.55
CA THR B 95 43.53 -14.98 -9.87
C THR B 95 43.10 -13.52 -9.87
N ALA B 96 43.35 -12.85 -8.76
CA ALA B 96 43.02 -11.43 -8.61
C ALA B 96 43.50 -10.97 -7.24
N VAL B 97 43.39 -9.67 -7.01
CA VAL B 97 43.69 -9.06 -5.71
C VAL B 97 42.36 -8.77 -5.04
N TYR B 98 42.11 -9.40 -3.89
CA TYR B 98 40.82 -9.34 -3.22
C TYR B 98 40.90 -8.39 -2.03
N TYR B 99 39.99 -7.42 -1.99
CA TYR B 99 39.95 -6.40 -0.96
C TYR B 99 38.67 -6.58 -0.14
N CYS B 100 38.82 -6.63 1.19
CA CYS B 100 37.68 -6.74 2.08
C CYS B 100 37.10 -5.34 2.31
N HIS B 101 35.78 -5.21 2.13
CA HIS B 101 35.10 -3.93 2.24
C HIS B 101 33.85 -4.07 3.10
N VAL B 102 33.53 -3.00 3.82
CA VAL B 102 32.34 -2.92 4.65
C VAL B 102 31.59 -1.64 4.31
N LEU B 103 30.29 -1.78 4.04
CA LEU B 103 29.44 -0.65 3.70
C LEU B 103 28.50 -0.35 4.87
N GLU B 104 28.41 0.93 5.23
CA GLU B 104 27.61 1.37 6.37
C GLU B 104 26.32 2.02 5.87
N ASP B 105 25.24 1.82 6.62
CA ASP B 105 24.00 2.52 6.32
C ASP B 105 24.12 3.98 6.77
N ARG B 106 23.96 4.90 5.83
CA ARG B 106 24.07 6.31 6.11
C ARG B 106 23.08 7.06 5.23
N VAL B 107 22.30 7.96 5.84
CA VAL B 107 21.17 8.57 5.15
C VAL B 107 21.65 9.32 3.91
N ASP B 108 22.71 10.12 4.06
CA ASP B 108 23.24 10.86 2.92
C ASP B 108 23.74 9.91 1.83
N SER B 109 24.61 8.98 2.20
CA SER B 109 25.10 7.95 1.28
C SER B 109 25.93 6.96 2.08
N PHE B 110 25.81 5.68 1.74
CA PHE B 110 26.46 4.64 2.52
C PHE B 110 27.96 4.89 2.60
N HIS B 111 28.51 4.77 3.81
CA HIS B 111 29.93 4.98 4.04
C HIS B 111 30.69 3.67 3.86
N ASP B 112 31.96 3.79 3.47
CA ASP B 112 32.75 2.65 3.04
C ASP B 112 34.02 2.54 3.89
N TYR B 113 34.29 1.33 4.37
CA TYR B 113 35.59 0.96 4.92
C TYR B 113 36.09 -0.26 4.16
N TRP B 114 37.41 -0.32 3.94
CA TRP B 114 38.00 -1.49 3.32
C TRP B 114 39.50 -1.51 3.61
N GLY B 115 40.00 -2.66 4.03
CA GLY B 115 41.39 -2.82 4.36
C GLY B 115 42.24 -3.14 3.14
N GLN B 116 43.50 -3.48 3.41
CA GLN B 116 44.44 -3.84 2.36
C GLN B 116 44.18 -5.27 1.91
N GLY B 117 43.94 -5.45 0.62
CA GLY B 117 43.72 -6.77 0.07
C GLY B 117 45.02 -7.55 -0.07
N THR B 118 44.87 -8.80 -0.48
CA THR B 118 46.01 -9.69 -0.68
C THR B 118 45.88 -10.39 -2.01
N GLN B 119 47.02 -10.71 -2.62
CA GLN B 119 47.04 -11.35 -3.93
C GLN B 119 46.60 -12.80 -3.81
N VAL B 120 45.68 -13.21 -4.70
CA VAL B 120 45.23 -14.58 -4.82
C VAL B 120 45.51 -15.02 -6.25
N THR B 121 46.24 -16.12 -6.40
CA THR B 121 46.64 -16.62 -7.71
C THR B 121 46.42 -18.12 -7.79
N VAL B 122 45.95 -18.57 -8.94
CA VAL B 122 45.75 -19.99 -9.22
C VAL B 122 46.70 -20.36 -10.35
N SER B 123 47.59 -21.32 -10.08
CA SER B 123 48.61 -21.69 -11.06
C SER B 123 47.96 -22.20 -12.34
N SER B 124 48.46 -21.73 -13.47
CA SER B 124 47.94 -22.14 -14.78
C SER B 124 48.65 -23.40 -15.28
#